data_8DGR
#
_entry.id   8DGR
#
_cell.length_a   119.644
_cell.length_b   119.644
_cell.length_c   74.856
_cell.angle_alpha   90.000
_cell.angle_beta   90.000
_cell.angle_gamma   90.000
#
_symmetry.space_group_name_H-M   'I 41 2 2'
#
loop_
_entity.id
_entity.type
_entity.pdbx_description
1 polymer 'scFv F8'
2 water water
#
_entity_poly.entity_id   1
_entity_poly.type   'polypeptide(L)'
_entity_poly.pdbx_seq_one_letter_code
;MGSSHHHHHHSSGENLYFQGHMQVQLQESGGDLVQPGGSLKLSCAASGFTFSSYGMSWVRQTPDKRLELVATINSNGGST
FYPDSVKGRFTISRDNAKNTLYLQMSSLKSEDTAMYYCARRRNYPYYYGSRGYFDYWGQGTTVTVSSGGGGSGGGGSGGG
GSDIELTQSPASLAVSLGQRATISCRASESVDSYGNSFMHWYQQKPGQPPKLLIYRALNLESGIPARFSGSGSRTDFTLT
INPVEADDVAIYYCQQSNEDPWTFGGGTKLEIK
;
_entity_poly.pdbx_strand_id   A
#
# COMPACT_ATOMS: atom_id res chain seq x y z
N GLN A 23 7.43 -15.47 11.00
CA GLN A 23 6.22 -15.47 11.86
C GLN A 23 5.79 -14.03 12.13
N VAL A 24 6.18 -13.08 11.27
CA VAL A 24 5.63 -11.73 11.32
C VAL A 24 4.17 -11.83 10.89
N GLN A 25 3.28 -11.33 11.74
CA GLN A 25 1.86 -11.29 11.43
C GLN A 25 1.28 -9.96 11.88
N LEU A 26 0.37 -9.42 11.04
CA LEU A 26 -0.52 -8.33 11.36
C LEU A 26 -1.95 -8.81 11.17
N GLN A 27 -2.82 -8.46 12.11
CA GLN A 27 -4.20 -8.87 12.01
C GLN A 27 -5.15 -7.78 12.47
N GLU A 28 -5.96 -7.31 11.51
CA GLU A 28 -6.91 -6.25 11.74
C GLU A 28 -8.23 -6.83 12.24
N SER A 29 -8.88 -6.01 13.06
CA SER A 29 -10.24 -6.27 13.55
C SER A 29 -11.03 -4.98 13.64
N GLY A 30 -12.35 -5.13 13.70
CA GLY A 30 -13.22 -4.03 14.03
C GLY A 30 -14.18 -3.62 12.92
N GLY A 31 -13.98 -4.11 11.70
CA GLY A 31 -14.84 -3.67 10.61
C GLY A 31 -16.30 -4.02 10.87
N ASP A 32 -17.17 -3.15 10.39
CA ASP A 32 -18.60 -3.36 10.58
C ASP A 32 -19.34 -2.51 9.56
N LEU A 33 -20.67 -2.68 9.58
CA LEU A 33 -21.57 -1.80 8.87
C LEU A 33 -21.91 -0.65 9.81
N VAL A 34 -21.72 0.58 9.34
CA VAL A 34 -21.84 1.82 10.10
CA VAL A 34 -21.94 1.75 10.14
C VAL A 34 -22.78 2.75 9.35
N GLN A 35 -23.45 3.65 10.08
CA GLN A 35 -24.27 4.65 9.44
C GLN A 35 -23.46 5.91 9.16
N PRO A 36 -23.84 6.72 8.15
CA PRO A 36 -23.22 8.01 7.89
C PRO A 36 -23.24 8.88 9.14
N GLY A 37 -22.10 9.52 9.41
CA GLY A 37 -21.93 10.30 10.62
C GLY A 37 -21.43 9.51 11.83
N GLY A 38 -21.40 8.18 11.73
CA GLY A 38 -21.04 7.31 12.83
C GLY A 38 -19.53 7.22 13.05
N SER A 39 -19.19 6.48 14.11
CA SER A 39 -17.82 6.23 14.57
C SER A 39 -17.55 4.73 14.58
N LEU A 40 -16.25 4.37 14.44
CA LEU A 40 -15.84 2.97 14.49
C LEU A 40 -14.36 2.94 14.83
N LYS A 41 -13.95 2.01 15.68
CA LYS A 41 -12.53 1.87 16.02
C LYS A 41 -12.01 0.55 15.49
N LEU A 42 -10.93 0.59 14.67
CA LEU A 42 -10.24 -0.56 14.18
C LEU A 42 -8.98 -0.78 14.99
N SER A 43 -8.59 -2.05 15.10
CA SER A 43 -7.38 -2.48 15.79
C SER A 43 -6.57 -3.33 14.83
N CYS A 44 -5.24 -3.27 14.91
CA CYS A 44 -4.36 -4.16 14.23
C CYS A 44 -3.33 -4.66 15.24
N ALA A 45 -3.32 -5.96 15.40
CA ALA A 45 -2.45 -6.63 16.38
C ALA A 45 -1.27 -7.26 15.69
N ALA A 46 -0.06 -6.83 16.08
CA ALA A 46 1.19 -7.30 15.51
C ALA A 46 1.76 -8.42 16.37
N SER A 47 2.48 -9.31 15.68
CA SER A 47 3.24 -10.34 16.38
C SER A 47 4.45 -10.71 15.53
N GLY A 48 5.49 -11.23 16.21
CA GLY A 48 6.67 -11.82 15.59
C GLY A 48 7.79 -10.87 15.24
N PHE A 49 7.74 -9.63 15.76
CA PHE A 49 8.79 -8.64 15.57
C PHE A 49 8.68 -7.58 16.68
N THR A 50 9.72 -6.76 16.82
CA THR A 50 9.71 -5.65 17.75
C THR A 50 8.88 -4.50 17.17
N PHE A 51 7.63 -4.43 17.63
CA PHE A 51 6.66 -3.54 17.00
C PHE A 51 7.15 -2.09 17.05
N SER A 52 7.68 -1.66 18.20
CA SER A 52 8.18 -0.32 18.41
C SER A 52 9.33 0.09 17.51
N SER A 53 9.89 -0.81 16.73
CA SER A 53 11.01 -0.47 15.85
C SER A 53 10.51 0.01 14.50
N TYR A 54 9.19 -0.06 14.23
CA TYR A 54 8.68 0.20 12.89
C TYR A 54 7.56 1.21 12.89
N GLY A 55 7.60 2.06 11.87
CA GLY A 55 6.45 2.88 11.53
C GLY A 55 5.36 1.99 10.91
N MET A 56 4.12 2.45 11.02
CA MET A 56 2.94 1.70 10.61
C MET A 56 1.98 2.63 9.91
N SER A 57 1.12 2.05 9.05
CA SER A 57 0.08 2.80 8.36
C SER A 57 -1.21 2.01 8.27
N TRP A 58 -2.28 2.75 8.05
CA TRP A 58 -3.54 2.21 7.58
C TRP A 58 -3.72 2.61 6.12
N VAL A 59 -3.99 1.61 5.25
CA VAL A 59 -4.23 1.78 3.82
C VAL A 59 -5.56 1.10 3.49
N ARG A 60 -6.43 1.82 2.80
CA ARG A 60 -7.74 1.26 2.48
C ARG A 60 -7.83 1.00 0.98
N GLN A 61 -8.62 -0.01 0.64
CA GLN A 61 -8.88 -0.36 -0.75
C GLN A 61 -10.39 -0.18 -0.98
N THR A 62 -10.69 0.76 -1.86
CA THR A 62 -12.06 1.17 -2.13
C THR A 62 -12.66 0.19 -3.15
N PRO A 63 -13.99 0.23 -3.35
CA PRO A 63 -14.59 -0.74 -4.26
C PRO A 63 -14.12 -0.68 -5.71
N ASP A 64 -13.54 0.44 -6.12
CA ASP A 64 -12.91 0.60 -7.44
C ASP A 64 -11.49 0.05 -7.49
N LYS A 65 -11.07 -0.63 -6.42
CA LYS A 65 -9.78 -1.33 -6.26
C LYS A 65 -8.62 -0.35 -6.07
N ARG A 66 -8.89 0.94 -5.93
CA ARG A 66 -7.80 1.88 -5.60
C ARG A 66 -7.35 1.63 -4.17
N LEU A 67 -6.04 1.90 -3.93
CA LEU A 67 -5.42 1.89 -2.62
C LEU A 67 -5.11 3.32 -2.23
N GLU A 68 -5.43 3.63 -0.98
CA GLU A 68 -5.31 4.99 -0.47
C GLU A 68 -4.75 4.89 0.96
N LEU A 69 -3.64 5.56 1.22
CA LEU A 69 -3.20 5.72 2.60
C LEU A 69 -4.17 6.62 3.33
N VAL A 70 -4.59 6.21 4.54
CA VAL A 70 -5.44 7.10 5.30
C VAL A 70 -4.81 7.59 6.60
N ALA A 71 -3.76 6.91 7.08
CA ALA A 71 -3.08 7.41 8.28
C ALA A 71 -1.75 6.73 8.41
N THR A 72 -0.76 7.44 9.01
CA THR A 72 0.55 6.88 9.21
C THR A 72 1.12 7.44 10.51
N ILE A 73 1.94 6.60 11.15
CA ILE A 73 2.47 6.91 12.48
C ILE A 73 3.92 6.46 12.54
N ASN A 74 4.76 7.21 13.26
CA ASN A 74 6.12 6.78 13.47
C ASN A 74 6.22 5.69 14.55
N SER A 75 7.43 5.20 14.73
CA SER A 75 7.67 4.02 15.57
C SER A 75 7.30 4.27 17.03
N ASN A 76 7.65 5.46 17.54
CA ASN A 76 7.37 5.72 18.95
C ASN A 76 5.98 6.28 19.21
N GLY A 77 5.15 6.43 18.17
CA GLY A 77 3.77 6.84 18.32
C GLY A 77 3.51 8.31 18.57
N GLY A 78 4.57 9.12 18.49
CA GLY A 78 4.42 10.52 18.82
C GLY A 78 4.08 11.41 17.65
N SER A 79 4.23 10.93 16.42
CA SER A 79 3.97 11.80 15.28
C SER A 79 3.09 11.04 14.29
N THR A 80 2.15 11.79 13.73
CA THR A 80 1.13 11.21 12.87
C THR A 80 0.87 12.09 11.67
N PHE A 81 0.39 11.46 10.57
CA PHE A 81 0.05 12.15 9.34
C PHE A 81 -1.21 11.56 8.74
N TYR A 82 -2.05 12.44 8.20
CA TYR A 82 -3.30 12.08 7.52
C TYR A 82 -3.43 12.88 6.26
N PRO A 83 -3.87 12.26 5.15
CA PRO A 83 -4.22 13.03 3.93
C PRO A 83 -5.47 13.87 4.21
N ASP A 84 -5.68 14.87 3.36
CA ASP A 84 -6.83 15.77 3.43
C ASP A 84 -8.19 15.07 3.47
N SER A 85 -8.34 13.91 2.79
CA SER A 85 -9.61 13.19 2.72
C SER A 85 -10.15 12.82 4.11
N VAL A 86 -9.28 12.60 5.10
CA VAL A 86 -9.72 12.03 6.38
C VAL A 86 -9.24 12.85 7.57
N LYS A 87 -8.36 13.84 7.32
CA LYS A 87 -7.80 14.64 8.39
C LYS A 87 -8.92 15.35 9.15
N GLY A 88 -8.84 15.27 10.48
CA GLY A 88 -9.89 15.77 11.35
C GLY A 88 -10.96 14.74 11.68
N ARG A 89 -11.09 13.65 10.90
CA ARG A 89 -12.08 12.64 11.16
C ARG A 89 -11.45 11.36 11.73
N PHE A 90 -10.21 11.06 11.33
CA PHE A 90 -9.58 9.80 11.72
C PHE A 90 -8.39 10.08 12.65
N THR A 91 -8.17 9.21 13.63
CA THR A 91 -7.01 9.35 14.51
C THR A 91 -6.30 8.01 14.55
N ILE A 92 -5.01 8.01 14.25
CA ILE A 92 -4.17 6.82 14.39
C ILE A 92 -3.40 6.94 15.70
N SER A 93 -3.27 5.80 16.35
CA SER A 93 -2.48 5.69 17.56
C SER A 93 -1.90 4.28 17.69
N ARG A 94 -0.98 4.10 18.64
CA ARG A 94 -0.39 2.81 18.87
C ARG A 94 -0.14 2.67 20.38
N ASP A 95 -0.28 1.45 20.84
CA ASP A 95 0.10 1.08 22.20
C ASP A 95 1.20 0.07 22.07
N ASN A 96 2.45 0.53 22.18
CA ASN A 96 3.58 -0.30 21.88
C ASN A 96 3.75 -1.46 22.88
N ALA A 97 3.21 -1.29 24.07
CA ALA A 97 3.26 -2.35 25.06
C ALA A 97 2.35 -3.50 24.65
N LYS A 98 1.22 -3.19 23.99
CA LYS A 98 0.28 -4.21 23.54
C LYS A 98 0.49 -4.60 22.06
N ASN A 99 1.54 -4.06 21.44
CA ASN A 99 1.86 -4.35 20.05
C ASN A 99 0.65 -4.18 19.15
N THR A 100 -0.06 -3.10 19.39
CA THR A 100 -1.29 -2.86 18.64
C THR A 100 -1.34 -1.45 18.09
N LEU A 101 -1.87 -1.36 16.84
CA LEU A 101 -2.16 -0.12 16.14
C LEU A 101 -3.67 0.11 16.16
N TYR A 102 -4.12 1.35 16.23
CA TYR A 102 -5.54 1.66 16.23
C TYR A 102 -5.85 2.70 15.17
N LEU A 103 -7.11 2.66 14.69
CA LEU A 103 -7.68 3.71 13.86
C LEU A 103 -9.04 4.04 14.44
N GLN A 104 -9.17 5.24 14.99
CA GLN A 104 -10.46 5.75 15.37
C GLN A 104 -11.04 6.58 14.25
N MET A 105 -12.24 6.17 13.79
CA MET A 105 -12.89 6.78 12.66
C MET A 105 -14.10 7.52 13.21
N SER A 106 -14.35 8.70 12.70
CA SER A 106 -15.53 9.46 13.13
C SER A 106 -16.09 10.18 11.90
N SER A 107 -17.32 10.68 12.02
CA SER A 107 -17.96 11.40 10.94
C SER A 107 -17.89 10.59 9.65
N LEU A 108 -18.23 9.30 9.71
CA LEU A 108 -18.04 8.46 8.55
C LEU A 108 -18.93 8.91 7.38
N LYS A 109 -18.41 8.70 6.19
CA LYS A 109 -19.02 9.12 4.94
C LYS A 109 -19.02 7.94 3.99
N SER A 110 -19.84 8.05 2.94
CA SER A 110 -19.95 7.04 1.89
C SER A 110 -18.59 6.69 1.32
N GLU A 111 -17.72 7.70 1.19
CA GLU A 111 -16.43 7.51 0.55
C GLU A 111 -15.52 6.64 1.41
N ASP A 112 -15.89 6.39 2.68
CA ASP A 112 -15.04 5.62 3.59
C ASP A 112 -15.26 4.12 3.46
N THR A 113 -16.25 3.65 2.68
CA THR A 113 -16.48 2.23 2.53
C THR A 113 -15.28 1.60 1.80
N ALA A 114 -14.65 0.63 2.42
CA ALA A 114 -13.41 0.07 1.91
C ALA A 114 -12.98 -1.12 2.76
N MET A 115 -12.03 -1.91 2.22
CA MET A 115 -11.23 -2.81 3.03
C MET A 115 -10.07 -2.01 3.65
N TYR A 116 -9.95 -2.07 4.97
CA TYR A 116 -8.87 -1.39 5.68
C TYR A 116 -7.79 -2.37 6.07
N TYR A 117 -6.57 -2.03 5.64
CA TYR A 117 -5.37 -2.79 5.93
C TYR A 117 -4.45 -2.01 6.85
N CYS A 118 -3.82 -2.71 7.77
CA CYS A 118 -2.63 -2.15 8.37
C CYS A 118 -1.44 -2.75 7.65
N ALA A 119 -0.39 -1.94 7.62
CA ALA A 119 0.82 -2.30 6.90
C ALA A 119 2.02 -1.73 7.63
N ARG A 120 3.08 -2.52 7.61
CA ARG A 120 4.34 -2.17 8.24
C ARG A 120 5.23 -1.42 7.25
N ARG A 121 5.80 -0.28 7.70
CA ARG A 121 6.80 0.48 6.92
C ARG A 121 8.21 -0.03 7.14
N ARG A 122 8.93 -0.29 6.06
CA ARG A 122 10.32 -0.68 6.14
C ARG A 122 11.11 0.35 5.36
N ASN A 123 12.15 0.90 6.00
CA ASN A 123 13.02 1.87 5.36
C ASN A 123 14.43 1.30 5.30
N TYR A 124 14.69 0.45 4.30
CA TYR A 124 15.89 -0.37 4.26
C TYR A 124 16.30 -0.57 2.81
N PRO A 125 17.58 -0.47 2.47
CA PRO A 125 18.64 0.07 3.35
C PRO A 125 18.32 1.50 3.79
N TYR A 126 18.94 1.90 4.89
CA TYR A 126 18.75 3.22 5.47
C TYR A 126 19.91 4.11 5.07
N TYR A 127 19.60 5.30 4.55
CA TYR A 127 20.63 6.27 4.20
C TYR A 127 19.99 7.63 4.23
N TYR A 128 20.80 8.70 4.14
CA TYR A 128 20.24 10.01 4.32
C TYR A 128 19.16 10.26 3.25
N GLY A 129 17.96 10.62 3.73
CA GLY A 129 16.86 10.89 2.79
C GLY A 129 16.12 9.65 2.33
N SER A 130 16.61 8.44 2.65
CA SER A 130 15.91 7.23 2.19
C SER A 130 14.46 7.23 2.64
N ARG A 131 13.58 6.76 1.73
CA ARG A 131 12.14 6.63 2.03
C ARG A 131 11.78 5.16 1.98
N GLY A 132 10.77 4.80 2.81
CA GLY A 132 10.34 3.42 2.97
C GLY A 132 9.22 3.01 2.02
N TYR A 133 8.68 1.84 2.40
CA TYR A 133 7.70 1.11 1.61
C TYR A 133 7.06 0.11 2.54
N PHE A 134 6.02 -0.61 2.07
CA PHE A 134 5.29 -1.54 2.89
C PHE A 134 5.81 -2.96 2.66
N ASP A 135 6.36 -3.58 3.67
CA ASP A 135 6.81 -4.95 3.52
C ASP A 135 5.90 -6.04 4.07
N TYR A 136 4.96 -5.71 4.96
CA TYR A 136 4.00 -6.67 5.52
C TYR A 136 2.66 -5.97 5.65
N TRP A 137 1.59 -6.73 5.40
CA TRP A 137 0.21 -6.30 5.41
C TRP A 137 -0.62 -7.30 6.19
N GLY A 138 -1.68 -6.83 6.82
CA GLY A 138 -2.64 -7.75 7.39
C GLY A 138 -3.61 -8.24 6.31
N GLN A 139 -4.60 -9.02 6.74
CA GLN A 139 -5.55 -9.59 5.78
CA GLN A 139 -5.60 -9.61 5.86
C GLN A 139 -6.69 -8.62 5.48
N GLY A 140 -6.83 -7.55 6.28
CA GLY A 140 -7.83 -6.51 6.06
C GLY A 140 -9.11 -6.76 6.85
N THR A 141 -9.77 -5.67 7.16
CA THR A 141 -11.08 -5.66 7.81
C THR A 141 -11.99 -4.72 7.00
N THR A 142 -13.24 -5.17 6.73
CA THR A 142 -14.16 -4.46 5.87
C THR A 142 -15.00 -3.47 6.68
N VAL A 143 -15.03 -2.23 6.22
CA VAL A 143 -15.88 -1.20 6.76
C VAL A 143 -16.88 -0.81 5.68
N THR A 144 -18.19 -0.86 6.01
CA THR A 144 -19.20 -0.45 5.05
C THR A 144 -20.01 0.69 5.64
N VAL A 145 -20.11 1.81 4.95
CA VAL A 145 -20.94 2.92 5.38
C VAL A 145 -22.24 2.88 4.59
N SER A 146 -23.35 2.75 5.30
CA SER A 146 -24.63 2.58 4.66
C SER A 146 -25.06 3.88 4.02
N SER A 147 -26.21 3.80 3.31
CA SER A 147 -26.66 4.93 2.53
C SER A 147 -27.49 5.90 3.38
N SER A 162 -2.67 18.68 -4.64
CA SER A 162 -1.19 18.58 -4.73
C SER A 162 -0.68 17.16 -4.42
N ASP A 163 -1.57 16.18 -4.22
CA ASP A 163 -1.09 14.81 -4.05
C ASP A 163 -0.50 14.35 -5.37
N ILE A 164 0.52 13.48 -5.30
CA ILE A 164 1.17 12.96 -6.49
C ILE A 164 0.28 11.90 -7.10
N GLU A 165 -0.08 12.12 -8.36
CA GLU A 165 -0.96 11.20 -9.07
C GLU A 165 -0.12 10.24 -9.91
N LEU A 166 -0.41 8.94 -9.77
CA LEU A 166 0.27 7.87 -10.47
C LEU A 166 -0.73 7.25 -11.43
N THR A 167 -0.37 7.27 -12.69
CA THR A 167 -1.24 6.74 -13.73
C THR A 167 -0.57 5.53 -14.34
N GLN A 168 -1.24 4.37 -14.25
CA GLN A 168 -0.72 3.14 -14.84
C GLN A 168 -1.23 2.92 -16.24
N SER A 169 -0.40 2.24 -17.04
CA SER A 169 -0.81 1.84 -18.37
C SER A 169 -0.15 0.55 -18.72
N PRO A 170 -0.86 -0.38 -19.42
CA PRO A 170 -2.28 -0.29 -19.66
C PRO A 170 -3.02 -0.62 -18.36
N ALA A 171 -4.34 -0.49 -18.38
CA ALA A 171 -5.13 -0.83 -17.22
C ALA A 171 -5.32 -2.34 -17.10
N SER A 172 -5.23 -3.01 -18.25
CA SER A 172 -5.47 -4.43 -18.36
C SER A 172 -4.60 -4.94 -19.49
N LEU A 173 -4.01 -6.11 -19.28
CA LEU A 173 -3.35 -6.73 -20.43
C LEU A 173 -3.43 -8.23 -20.30
N ALA A 174 -3.44 -8.89 -21.47
CA ALA A 174 -3.46 -10.32 -21.52
C ALA A 174 -2.30 -10.77 -22.40
N VAL A 175 -1.52 -11.69 -21.87
CA VAL A 175 -0.38 -12.22 -22.62
C VAL A 175 -0.44 -13.75 -22.56
N SER A 176 0.32 -14.39 -23.46
CA SER A 176 0.44 -15.83 -23.43
C SER A 176 1.54 -16.23 -22.47
N LEU A 177 1.47 -17.46 -21.95
CA LEU A 177 2.51 -17.98 -21.12
C LEU A 177 3.88 -17.84 -21.81
N GLY A 178 4.89 -17.36 -21.06
CA GLY A 178 6.24 -17.25 -21.58
C GLY A 178 6.53 -15.92 -22.29
N GLN A 179 5.51 -15.07 -22.52
CA GLN A 179 5.68 -13.74 -23.06
C GLN A 179 6.09 -12.77 -21.94
N ARG A 180 6.53 -11.59 -22.36
CA ARG A 180 6.78 -10.52 -21.39
C ARG A 180 5.52 -9.67 -21.21
N ALA A 181 5.34 -9.24 -19.95
CA ALA A 181 4.35 -8.23 -19.64
C ALA A 181 5.08 -6.97 -19.15
N THR A 182 4.72 -5.84 -19.75
CA THR A 182 5.33 -4.54 -19.49
C THR A 182 4.24 -3.62 -18.96
N ILE A 183 4.39 -3.15 -17.70
CA ILE A 183 3.41 -2.33 -17.02
C ILE A 183 4.09 -1.01 -16.70
N SER A 184 3.50 0.10 -17.09
CA SER A 184 4.09 1.41 -16.95
C SER A 184 3.36 2.19 -15.86
N CYS A 185 4.12 3.09 -15.20
CA CYS A 185 3.54 3.98 -14.19
C CYS A 185 4.14 5.35 -14.42
N ARG A 186 3.29 6.36 -14.64
CA ARG A 186 3.75 7.73 -14.80
C ARG A 186 3.29 8.57 -13.61
N ALA A 187 4.26 9.26 -12.98
CA ALA A 187 3.94 10.15 -11.86
C ALA A 187 3.74 11.58 -12.35
N SER A 188 2.85 12.29 -11.66
CA SER A 188 2.53 13.69 -12.00
C SER A 188 3.70 14.63 -11.74
N GLU A 189 4.60 14.29 -10.81
CA GLU A 189 5.85 15.00 -10.59
C GLU A 189 6.94 14.01 -10.25
N SER A 190 8.20 14.41 -10.30
CA SER A 190 9.27 13.47 -10.01
C SER A 190 9.16 12.89 -8.60
N VAL A 191 9.49 11.61 -8.48
CA VAL A 191 9.49 10.95 -7.18
C VAL A 191 10.90 10.57 -6.77
N ASP A 192 11.86 11.31 -7.37
CA ASP A 192 13.27 11.13 -7.08
C ASP A 192 13.73 12.19 -6.10
N SER A 193 14.58 11.71 -5.20
CA SER A 193 15.38 12.56 -4.33
C SER A 193 16.61 11.78 -3.88
N TYR A 194 17.68 12.54 -3.57
CA TYR A 194 18.94 11.94 -3.09
C TYR A 194 19.54 10.91 -4.07
N GLY A 195 19.33 11.07 -5.37
CA GLY A 195 19.89 10.19 -6.38
C GLY A 195 19.13 8.86 -6.54
N ASN A 196 17.95 8.78 -5.95
CA ASN A 196 17.24 7.50 -5.97
C ASN A 196 15.77 7.80 -6.25
N SER A 197 15.04 6.73 -6.65
CA SER A 197 13.64 6.86 -7.02
C SER A 197 12.75 6.12 -6.02
N PHE A 198 11.82 6.82 -5.38
CA PHE A 198 11.02 6.19 -4.33
C PHE A 198 9.68 5.74 -4.88
N MET A 199 9.75 4.81 -5.84
CA MET A 199 8.63 4.16 -6.50
C MET A 199 8.73 2.66 -6.25
N HIS A 200 7.61 2.02 -5.86
CA HIS A 200 7.62 0.62 -5.48
C HIS A 200 6.49 -0.09 -6.23
N TRP A 201 6.60 -1.42 -6.36
CA TRP A 201 5.59 -2.21 -7.06
C TRP A 201 5.09 -3.35 -6.18
N TYR A 202 3.77 -3.55 -6.18
CA TYR A 202 3.10 -4.60 -5.43
C TYR A 202 2.27 -5.46 -6.36
N GLN A 203 2.09 -6.71 -5.94
CA GLN A 203 1.19 -7.64 -6.61
C GLN A 203 0.01 -7.94 -5.70
N GLN A 204 -1.20 -7.98 -6.24
CA GLN A 204 -2.34 -8.34 -5.40
C GLN A 204 -3.17 -9.41 -6.11
N LYS A 205 -3.41 -10.51 -5.42
CA LYS A 205 -4.36 -11.53 -5.85
C LYS A 205 -5.66 -11.46 -5.09
N PRO A 206 -6.77 -12.05 -5.59
CA PRO A 206 -8.06 -11.95 -4.92
C PRO A 206 -8.06 -12.51 -3.51
N GLY A 207 -8.69 -11.76 -2.60
CA GLY A 207 -8.83 -12.17 -1.22
C GLY A 207 -7.58 -11.91 -0.39
N GLN A 208 -6.53 -11.33 -1.00
CA GLN A 208 -5.24 -11.18 -0.35
C GLN A 208 -4.83 -9.72 -0.32
N PRO A 209 -4.00 -9.27 0.64
CA PRO A 209 -3.43 -7.96 0.55
C PRO A 209 -2.38 -7.85 -0.57
N PRO A 210 -1.98 -6.62 -0.94
CA PRO A 210 -0.82 -6.44 -1.80
C PRO A 210 0.43 -7.07 -1.19
N LYS A 211 1.35 -7.49 -2.07
CA LYS A 211 2.63 -8.08 -1.72
C LYS A 211 3.73 -7.34 -2.45
N LEU A 212 4.74 -6.86 -1.68
CA LEU A 212 5.84 -6.13 -2.29
C LEU A 212 6.69 -6.98 -3.23
N LEU A 213 6.89 -6.47 -4.46
CA LEU A 213 7.75 -7.11 -5.47
C LEU A 213 9.10 -6.41 -5.61
N ILE A 214 9.02 -5.08 -5.72
CA ILE A 214 10.13 -4.22 -6.13
C ILE A 214 10.07 -2.98 -5.23
N TYR A 215 11.21 -2.63 -4.62
CA TYR A 215 11.29 -1.39 -3.84
C TYR A 215 12.29 -0.43 -4.47
N ARG A 216 12.01 0.86 -4.39
CA ARG A 216 12.87 1.90 -4.88
C ARG A 216 13.28 1.66 -6.33
N ALA A 217 12.27 1.38 -7.16
CA ALA A 217 12.26 1.34 -8.63
C ALA A 217 12.90 0.08 -9.18
N LEU A 218 13.96 -0.45 -8.55
CA LEU A 218 14.69 -1.53 -9.19
C LEU A 218 15.15 -2.66 -8.28
N ASN A 219 14.91 -2.60 -6.98
CA ASN A 219 15.40 -3.59 -6.06
C ASN A 219 14.37 -4.69 -5.90
N LEU A 220 14.76 -5.94 -6.19
CA LEU A 220 13.90 -7.10 -6.02
C LEU A 220 13.79 -7.47 -4.53
N GLU A 221 12.56 -7.55 -4.01
CA GLU A 221 12.32 -8.03 -2.66
C GLU A 221 12.77 -9.50 -2.50
N SER A 222 13.33 -9.81 -1.31
CA SER A 222 13.68 -11.18 -0.97
C SER A 222 12.49 -12.10 -1.15
N GLY A 223 12.72 -13.24 -1.82
CA GLY A 223 11.69 -14.23 -2.01
C GLY A 223 10.91 -14.01 -3.30
N ILE A 224 11.21 -12.93 -4.04
CA ILE A 224 10.51 -12.62 -5.27
C ILE A 224 11.34 -13.15 -6.44
N PRO A 225 10.75 -13.89 -7.41
CA PRO A 225 11.52 -14.45 -8.52
C PRO A 225 12.12 -13.42 -9.45
N ALA A 226 13.26 -13.77 -10.05
CA ALA A 226 14.03 -12.89 -10.89
C ALA A 226 13.36 -12.52 -12.21
N ARG A 227 12.24 -13.18 -12.54
CA ARG A 227 11.45 -12.78 -13.70
C ARG A 227 10.79 -11.41 -13.54
N PHE A 228 10.73 -10.90 -12.30
CA PHE A 228 10.29 -9.53 -12.06
C PHE A 228 11.45 -8.56 -12.02
N SER A 229 11.31 -7.46 -12.77
CA SER A 229 12.31 -6.42 -12.78
C SER A 229 11.68 -5.05 -12.90
N GLY A 230 12.27 -4.07 -12.25
CA GLY A 230 11.76 -2.73 -12.37
C GLY A 230 12.82 -1.80 -12.94
N SER A 231 12.35 -0.76 -13.62
CA SER A 231 13.22 0.25 -14.18
C SER A 231 12.55 1.60 -14.11
N GLY A 232 13.36 2.63 -14.41
CA GLY A 232 12.82 3.97 -14.53
C GLY A 232 13.44 4.94 -13.56
N SER A 233 13.05 6.20 -13.75
CA SER A 233 13.42 7.26 -12.84
C SER A 233 12.52 8.46 -13.04
N ARG A 234 12.55 9.35 -12.04
CA ARG A 234 11.84 10.64 -12.05
C ARG A 234 10.34 10.45 -12.15
N THR A 235 9.77 10.50 -13.37
CA THR A 235 8.33 10.39 -13.53
C THR A 235 7.93 9.14 -14.30
N ASP A 236 8.86 8.30 -14.73
CA ASP A 236 8.52 7.25 -15.67
C ASP A 236 9.11 5.91 -15.23
N PHE A 237 8.26 4.92 -14.91
CA PHE A 237 8.69 3.66 -14.34
C PHE A 237 8.02 2.52 -15.06
N THR A 238 8.70 1.39 -15.03
CA THR A 238 8.22 0.20 -15.68
C THR A 238 8.46 -1.01 -14.82
N LEU A 239 7.47 -1.89 -14.72
CA LEU A 239 7.57 -3.23 -14.18
C LEU A 239 7.53 -4.20 -15.35
N THR A 240 8.54 -5.06 -15.45
CA THR A 240 8.60 -6.06 -16.49
C THR A 240 8.54 -7.42 -15.83
N ILE A 241 7.66 -8.31 -16.35
CA ILE A 241 7.58 -9.67 -15.93
C ILE A 241 7.94 -10.50 -17.16
N ASN A 242 9.01 -11.26 -17.07
CA ASN A 242 9.50 -11.97 -18.24
C ASN A 242 10.32 -13.18 -17.79
N PRO A 243 9.92 -14.42 -18.17
CA PRO A 243 8.67 -14.77 -18.83
C PRO A 243 7.50 -14.91 -17.86
N VAL A 244 6.31 -14.60 -18.32
CA VAL A 244 5.11 -14.68 -17.50
C VAL A 244 4.73 -16.15 -17.32
N GLU A 245 4.36 -16.49 -16.08
CA GLU A 245 3.78 -17.76 -15.66
C GLU A 245 2.35 -17.55 -15.15
N ALA A 246 1.61 -18.66 -14.99
CA ALA A 246 0.20 -18.60 -14.67
C ALA A 246 0.01 -18.03 -13.26
N ASP A 247 1.02 -18.22 -12.41
CA ASP A 247 1.03 -17.70 -11.04
C ASP A 247 1.08 -16.17 -11.02
N ASP A 248 1.36 -15.53 -12.16
CA ASP A 248 1.54 -14.07 -12.16
C ASP A 248 0.24 -13.34 -12.45
N VAL A 249 -0.87 -14.08 -12.66
CA VAL A 249 -2.17 -13.46 -12.84
C VAL A 249 -2.56 -12.78 -11.54
N ALA A 250 -2.77 -11.46 -11.62
CA ALA A 250 -2.88 -10.62 -10.44
C ALA A 250 -3.12 -9.19 -10.91
N ILE A 251 -3.36 -8.26 -9.96
CA ILE A 251 -3.35 -6.85 -10.25
C ILE A 251 -2.06 -6.29 -9.67
N TYR A 252 -1.41 -5.41 -10.44
CA TYR A 252 -0.12 -4.85 -10.06
C TYR A 252 -0.28 -3.36 -9.87
N TYR A 253 0.31 -2.87 -8.78
CA TYR A 253 0.21 -1.49 -8.33
C TYR A 253 1.59 -0.86 -8.16
N CYS A 254 1.74 0.36 -8.67
CA CYS A 254 2.86 1.20 -8.30
C CYS A 254 2.47 2.07 -7.12
N GLN A 255 3.52 2.58 -6.40
CA GLN A 255 3.31 3.41 -5.23
C GLN A 255 4.54 4.28 -5.02
N GLN A 256 4.32 5.55 -4.69
CA GLN A 256 5.43 6.48 -4.41
C GLN A 256 5.47 6.80 -2.94
N SER A 257 6.71 6.93 -2.42
CA SER A 257 6.95 7.36 -1.05
C SER A 257 7.86 8.59 -1.01
N ASN A 258 8.03 9.30 -2.12
CA ASN A 258 8.89 10.50 -2.08
C ASN A 258 8.24 11.64 -1.32
N GLU A 259 6.89 11.71 -1.29
CA GLU A 259 6.23 12.73 -0.52
C GLU A 259 4.98 12.18 0.13
N ASP A 260 4.55 12.85 1.19
CA ASP A 260 3.34 12.55 1.92
C ASP A 260 2.18 13.31 1.31
N PRO A 261 1.00 12.69 1.12
CA PRO A 261 0.75 11.28 1.38
C PRO A 261 1.39 10.36 0.32
N TRP A 262 1.84 9.22 0.77
CA TRP A 262 2.16 8.14 -0.13
C TRP A 262 0.93 7.81 -0.95
N THR A 263 1.13 7.61 -2.26
CA THR A 263 0.05 7.39 -3.19
C THR A 263 0.37 6.20 -4.09
N PHE A 264 -0.73 5.61 -4.57
CA PHE A 264 -0.74 4.42 -5.41
C PHE A 264 -1.37 4.71 -6.76
N GLY A 265 -0.85 4.02 -7.77
CA GLY A 265 -1.56 3.99 -9.06
C GLY A 265 -2.80 3.12 -8.96
N GLY A 266 -3.64 3.13 -10.03
CA GLY A 266 -4.96 2.50 -9.98
C GLY A 266 -4.97 1.00 -10.25
N GLY A 267 -3.81 0.43 -10.56
CA GLY A 267 -3.71 -1.00 -10.77
C GLY A 267 -3.73 -1.33 -12.26
N THR A 268 -3.04 -2.44 -12.57
CA THR A 268 -3.08 -3.01 -13.90
C THR A 268 -3.36 -4.49 -13.71
N LYS A 269 -4.41 -5.00 -14.38
CA LYS A 269 -4.77 -6.40 -14.31
C LYS A 269 -4.02 -7.21 -15.38
N LEU A 270 -3.35 -8.25 -14.97
CA LEU A 270 -2.65 -9.14 -15.88
C LEU A 270 -3.45 -10.44 -15.92
N GLU A 271 -3.79 -10.88 -17.16
CA GLU A 271 -4.42 -12.19 -17.37
C GLU A 271 -3.65 -12.96 -18.45
N ILE A 272 -3.96 -14.26 -18.54
CA ILE A 272 -3.45 -15.11 -19.62
C ILE A 272 -4.42 -15.11 -20.79
N LYS A 273 -3.92 -14.85 -22.00
CA LYS A 273 -4.65 -15.04 -23.24
C LYS A 273 -5.00 -16.52 -23.40
#